data_5EWY
#
_entry.id   5EWY
#
_cell.length_a   87.170
_cell.length_b   60.530
_cell.length_c   37.940
_cell.angle_alpha   90.00
_cell.angle_beta   100.25
_cell.angle_gamma   90.00
#
_symmetry.space_group_name_H-M   'C 1 2 1'
#
loop_
_entity.id
_entity.type
_entity.pdbx_description
1 polymer 'Putative ADP-Ribosyltransferase Scabin'
2 non-polymer '4-(8-fluoranyl-6-oxidanylidene-1,3,4,5-tetrahydrobenzo[c][1,6]naphthyridin-2-yl)butanoic acid'
3 water water
#
_entity_poly.entity_id   1
_entity_poly.type   'polypeptide(L)'
_entity_poly.pdbx_seq_one_letter_code
;MRRRAAAVVLSLSAVLATSAATAPAQTPTATATSAKAAAPACPRFDDPVHAAADPRVDVERITPDPVWRTTCGTLYRSDS
RGPAVVFEQGFLPKDVIDGQYDIESYVLVNQPSPYVSTTYDHDLYKTWYKSGYNYYIDAPGGVDVNKTIGDRHKWADQVE
VAFPGGIRTEFVIGVCPVDKKTRTEKMSECVGNPHYEPWH
;
_entity_poly.pdbx_strand_id   A
#
# COMPACT_ATOMS: atom_id res chain seq x y z
N LYS A 36 -8.09 -9.38 -28.72
CA LYS A 36 -7.35 -9.51 -27.47
C LYS A 36 -5.93 -8.97 -27.62
N ALA A 37 -5.29 -8.70 -26.48
CA ALA A 37 -3.88 -8.32 -26.48
C ALA A 37 -3.29 -8.72 -25.14
N ALA A 38 -2.02 -9.11 -25.16
CA ALA A 38 -1.32 -9.43 -23.92
C ALA A 38 -0.71 -8.17 -23.33
N ALA A 39 -0.65 -8.13 -22.01
CA ALA A 39 -0.14 -6.94 -21.33
C ALA A 39 1.38 -6.89 -21.47
N PRO A 40 1.96 -5.69 -21.41
CA PRO A 40 3.43 -5.56 -21.41
C PRO A 40 4.00 -5.78 -20.01
N ALA A 41 5.32 -5.85 -19.93
CA ALA A 41 6.00 -5.97 -18.64
C ALA A 41 6.08 -4.60 -17.97
N CYS A 42 6.66 -4.55 -16.70
CA CYS A 42 6.58 -3.32 -15.93
C CYS A 42 7.91 -2.55 -15.95
N PRO A 43 7.84 -1.21 -15.94
CA PRO A 43 9.07 -0.42 -15.74
C PRO A 43 9.64 -0.68 -14.35
N ARG A 44 10.97 -0.65 -14.25
CA ARG A 44 11.66 -0.94 -13.00
C ARG A 44 12.58 0.22 -12.67
N PHE A 45 12.36 0.87 -11.53
CA PHE A 45 13.18 1.98 -11.11
C PHE A 45 14.42 1.49 -10.40
N ASP A 46 15.50 2.26 -10.54
CA ASP A 46 16.73 1.95 -9.85
C ASP A 46 16.53 2.01 -8.34
N ASP A 47 15.76 3.01 -7.89
CA ASP A 47 15.55 3.25 -6.47
C ASP A 47 14.42 2.37 -5.96
N PRO A 48 14.66 1.45 -5.02
CA PRO A 48 13.58 0.55 -4.58
C PRO A 48 12.49 1.25 -3.80
N VAL A 49 12.76 2.46 -3.29
CA VAL A 49 11.74 3.26 -2.62
C VAL A 49 11.50 4.54 -3.39
N HIS A 50 11.58 4.46 -4.71
CA HIS A 50 11.21 5.59 -5.56
C HIS A 50 9.87 6.18 -5.16
N ALA A 51 8.93 5.34 -4.71
CA ALA A 51 7.59 5.81 -4.44
C ALA A 51 7.46 6.52 -3.10
N ALA A 52 8.49 6.52 -2.28
CA ALA A 52 8.35 6.92 -0.88
C ALA A 52 7.92 8.38 -0.74
N ALA A 53 6.92 8.61 0.12
CA ALA A 53 6.57 9.96 0.52
C ALA A 53 7.52 10.53 1.57
N ASP A 54 8.18 9.67 2.34
CA ASP A 54 9.18 10.09 3.33
C ASP A 54 10.48 9.39 2.95
N PRO A 55 11.36 10.05 2.18
CA PRO A 55 12.58 9.37 1.73
C PRO A 55 13.61 9.14 2.82
N ARG A 56 13.34 9.57 4.06
CA ARG A 56 14.28 9.27 5.13
C ARG A 56 14.29 7.79 5.50
N VAL A 57 13.38 6.99 4.94
CA VAL A 57 13.36 5.58 5.27
C VAL A 57 14.71 4.96 4.95
N ASP A 58 15.14 4.05 5.80
CA ASP A 58 16.45 3.41 5.69
C ASP A 58 16.26 1.97 5.23
N VAL A 59 16.43 1.73 3.94
CA VAL A 59 16.19 0.42 3.34
C VAL A 59 17.09 -0.64 3.97
N GLU A 60 18.28 -0.26 4.41
CA GLU A 60 19.19 -1.26 4.95
C GLU A 60 18.72 -1.81 6.29
N ARG A 61 17.76 -1.15 6.94
CA ARG A 61 17.24 -1.61 8.22
C ARG A 61 16.04 -2.55 8.07
N ILE A 62 15.56 -2.77 6.85
CA ILE A 62 14.44 -3.68 6.66
C ILE A 62 14.90 -5.09 6.99
N THR A 63 14.10 -5.79 7.80
CA THR A 63 14.34 -7.20 8.08
C THR A 63 13.04 -7.96 7.93
N PRO A 64 13.11 -9.23 7.51
CA PRO A 64 14.29 -9.87 6.93
C PRO A 64 14.57 -9.28 5.55
N ASP A 65 15.55 -9.82 4.83
CA ASP A 65 15.89 -9.28 3.53
C ASP A 65 14.64 -9.18 2.65
N PRO A 66 14.30 -8.00 2.15
CA PRO A 66 13.03 -7.85 1.46
C PRO A 66 13.05 -8.46 0.06
N VAL A 67 11.94 -9.06 -0.29
CA VAL A 67 11.66 -9.44 -1.66
C VAL A 67 10.75 -8.36 -2.22
N TRP A 68 11.27 -7.57 -3.16
CA TRP A 68 10.51 -6.44 -3.69
C TRP A 68 9.52 -6.90 -4.74
N ARG A 69 8.37 -6.25 -4.74
CA ARG A 69 7.38 -6.47 -5.78
C ARG A 69 7.90 -5.93 -7.11
N THR A 70 7.76 -6.73 -8.17
CA THR A 70 8.24 -6.33 -9.48
C THR A 70 7.11 -6.19 -10.48
N THR A 71 5.89 -6.49 -10.10
CA THR A 71 4.73 -6.23 -10.93
C THR A 71 4.25 -4.81 -10.71
N CYS A 72 3.20 -4.42 -11.44
CA CYS A 72 2.76 -3.04 -11.48
C CYS A 72 1.25 -3.00 -11.66
N GLY A 73 0.56 -3.95 -11.08
CA GLY A 73 -0.88 -3.89 -11.04
C GLY A 73 -1.36 -2.96 -9.95
N THR A 74 -2.64 -2.61 -10.05
CA THR A 74 -3.27 -1.79 -9.05
C THR A 74 -3.23 -2.50 -7.69
N LEU A 75 -2.86 -1.74 -6.66
CA LEU A 75 -2.90 -2.17 -5.27
C LEU A 75 -3.97 -1.35 -4.56
N TYR A 76 -4.27 -1.77 -3.34
CA TYR A 76 -5.38 -1.18 -2.60
C TYR A 76 -4.96 -0.94 -1.16
N ARG A 77 -5.59 0.06 -0.55
CA ARG A 77 -5.41 0.30 0.86
C ARG A 77 -6.74 0.77 1.45
N SER A 78 -7.24 0.04 2.45
CA SER A 78 -8.36 0.47 3.28
C SER A 78 -7.82 1.47 4.29
N ASP A 79 -8.43 2.65 4.37
CA ASP A 79 -7.97 3.65 5.33
C ASP A 79 -9.17 4.48 5.75
N SER A 80 -9.26 4.77 7.05
CA SER A 80 -10.30 5.67 7.54
C SER A 80 -10.00 7.13 7.22
N ARG A 81 -8.76 7.45 6.89
CA ARG A 81 -8.40 8.83 6.60
C ARG A 81 -8.95 9.24 5.25
N GLY A 82 -9.40 10.47 5.16
CA GLY A 82 -10.17 10.91 4.03
C GLY A 82 -9.32 11.41 2.88
N PRO A 83 -9.92 11.42 1.69
CA PRO A 83 -9.15 11.74 0.48
C PRO A 83 -8.64 13.16 0.43
N ALA A 84 -9.29 14.12 1.08
CA ALA A 84 -8.71 15.45 1.08
C ALA A 84 -7.30 15.43 1.64
N VAL A 85 -7.07 14.58 2.66
CA VAL A 85 -5.77 14.48 3.30
C VAL A 85 -4.83 13.62 2.47
N VAL A 86 -5.28 12.44 2.07
CA VAL A 86 -4.43 11.51 1.32
C VAL A 86 -4.02 12.09 -0.03
N PHE A 87 -4.95 12.74 -0.73
CA PHE A 87 -4.55 13.28 -2.03
C PHE A 87 -3.56 14.41 -1.88
N GLU A 88 -3.59 15.16 -0.77
CA GLU A 88 -2.61 16.21 -0.57
C GLU A 88 -1.26 15.66 -0.11
N GLN A 89 -1.25 14.70 0.82
CA GLN A 89 -0.02 14.25 1.47
C GLN A 89 0.53 12.95 0.93
N GLY A 90 -0.26 12.19 0.20
CA GLY A 90 0.07 10.79 -0.02
C GLY A 90 -0.19 10.01 1.25
N PHE A 91 0.35 8.79 1.30
CA PHE A 91 0.34 7.97 2.51
C PHE A 91 1.69 8.08 3.19
N LEU A 92 1.71 8.74 4.34
CA LEU A 92 2.96 8.86 5.09
C LEU A 92 3.03 7.75 6.11
N PRO A 93 4.21 7.19 6.35
CA PRO A 93 4.35 6.19 7.40
C PRO A 93 4.39 6.83 8.79
N LYS A 94 4.04 6.03 9.78
CA LYS A 94 3.94 6.53 11.15
C LYS A 94 5.30 6.90 11.73
N ASP A 95 6.34 6.09 11.52
CA ASP A 95 7.65 6.42 12.11
C ASP A 95 8.78 5.78 11.30
N VAL A 96 9.40 6.57 10.41
CA VAL A 96 10.56 6.10 9.66
C VAL A 96 11.85 6.11 10.46
N ILE A 97 11.87 6.75 11.63
CA ILE A 97 13.11 6.90 12.39
C ILE A 97 13.22 5.77 13.39
N ASP A 98 12.21 5.63 14.26
CA ASP A 98 12.25 4.68 15.36
C ASP A 98 11.18 3.60 15.26
N GLY A 99 10.46 3.54 14.14
CA GLY A 99 9.43 2.54 14.00
C GLY A 99 9.99 1.14 13.83
N GLN A 100 9.06 0.19 13.76
CA GLN A 100 9.39 -1.24 13.68
C GLN A 100 9.74 -1.57 12.23
N TYR A 101 11.04 -1.76 11.95
CA TYR A 101 11.50 -2.14 10.63
C TYR A 101 11.37 -3.63 10.36
N ASP A 102 11.14 -4.46 11.39
CA ASP A 102 10.96 -5.89 11.13
C ASP A 102 9.57 -6.16 10.61
N ILE A 103 9.49 -6.76 9.43
CA ILE A 103 8.22 -6.91 8.74
C ILE A 103 7.31 -7.88 9.48
N GLU A 104 7.85 -9.03 9.90
CA GLU A 104 7.04 -10.00 10.61
C GLU A 104 6.46 -9.39 11.89
N SER A 105 7.26 -8.63 12.63
CA SER A 105 6.78 -7.99 13.85
C SER A 105 5.65 -7.02 13.54
N TYR A 106 5.82 -6.21 12.49
CA TYR A 106 4.83 -5.20 12.13
C TYR A 106 3.51 -5.83 11.72
N VAL A 107 3.59 -6.93 10.97
CA VAL A 107 2.38 -7.64 10.50
C VAL A 107 1.64 -8.27 11.66
N LEU A 108 2.37 -8.87 12.61
CA LEU A 108 1.74 -9.63 13.67
C LEU A 108 1.21 -8.72 14.77
N VAL A 109 1.94 -7.66 15.09
CA VAL A 109 1.66 -6.81 16.25
C VAL A 109 1.65 -5.38 15.76
N ASN A 110 0.45 -4.79 15.66
CA ASN A 110 0.33 -3.43 15.18
C ASN A 110 1.21 -2.51 16.03
N GLN A 111 2.10 -1.77 15.35
CA GLN A 111 3.17 -1.03 16.00
C GLN A 111 3.59 0.06 15.02
N PRO A 112 3.93 1.26 15.47
CA PRO A 112 4.36 2.28 14.50
C PRO A 112 5.56 1.80 13.72
N SER A 113 5.52 2.04 12.41
CA SER A 113 6.51 1.46 11.52
C SER A 113 6.86 2.44 10.40
N PRO A 114 7.93 2.15 9.65
CA PRO A 114 8.25 2.95 8.46
C PRO A 114 7.44 2.58 7.24
N TYR A 115 6.52 1.63 7.37
CA TYR A 115 5.81 1.05 6.24
C TYR A 115 4.39 1.58 6.14
N VAL A 116 3.91 1.70 4.90
CA VAL A 116 2.48 1.84 4.64
C VAL A 116 2.01 0.54 4.01
N SER A 117 1.01 -0.08 4.62
CA SER A 117 0.49 -1.36 4.15
C SER A 117 -0.50 -1.15 3.02
N THR A 118 -0.39 -2.00 2.00
CA THR A 118 -1.33 -2.08 0.89
C THR A 118 -1.56 -3.56 0.65
N THR A 119 -2.47 -3.85 -0.28
CA THR A 119 -2.78 -5.24 -0.60
C THR A 119 -2.97 -5.41 -2.10
N TYR A 120 -2.69 -6.64 -2.55
CA TYR A 120 -3.05 -7.05 -3.89
C TYR A 120 -4.55 -7.29 -4.05
N ASP A 121 -5.29 -7.38 -2.96
CA ASP A 121 -6.70 -7.82 -2.96
C ASP A 121 -7.63 -6.61 -2.91
N HIS A 122 -8.30 -6.35 -4.03
CA HIS A 122 -9.30 -5.29 -4.11
C HIS A 122 -10.31 -5.35 -2.99
N ASP A 123 -10.68 -6.55 -2.56
CA ASP A 123 -11.78 -6.76 -1.62
C ASP A 123 -11.36 -6.81 -0.15
N LEU A 124 -10.08 -6.58 0.17
CA LEU A 124 -9.69 -6.72 1.56
C LEU A 124 -10.39 -5.68 2.43
N TYR A 125 -10.83 -4.58 1.84
CA TYR A 125 -11.56 -3.56 2.58
C TYR A 125 -12.75 -4.15 3.32
N LYS A 126 -13.32 -5.25 2.83
CA LYS A 126 -14.48 -5.86 3.47
C LYS A 126 -14.15 -6.42 4.83
N THR A 127 -12.87 -6.65 5.12
CA THR A 127 -12.46 -7.18 6.42
C THR A 127 -12.14 -6.09 7.42
N TRP A 128 -11.97 -4.86 6.97
CA TRP A 128 -11.55 -3.76 7.82
C TRP A 128 -12.80 -2.98 8.23
N TYR A 129 -13.24 -3.20 9.45
CA TYR A 129 -14.46 -2.55 9.92
C TYR A 129 -14.18 -1.09 10.28
N LYS A 130 -15.13 -0.23 9.95
CA LYS A 130 -14.95 1.21 10.08
C LYS A 130 -13.84 1.73 9.16
N SER A 131 -13.38 1.05 8.15
CA SER A 131 -12.38 1.74 7.34
C SER A 131 -13.30 2.29 6.28
N GLY A 132 -13.46 3.57 6.23
CA GLY A 132 -14.38 4.21 5.36
C GLY A 132 -14.04 4.32 3.91
N TYR A 133 -12.80 4.04 3.52
CA TYR A 133 -12.43 4.15 2.15
C TYR A 133 -11.55 3.03 1.65
N ASN A 134 -11.71 2.73 0.37
CA ASN A 134 -10.82 1.81 -0.34
C ASN A 134 -10.04 2.64 -1.36
N TYR A 135 -8.76 2.85 -1.11
CA TYR A 135 -7.88 3.57 -2.02
C TYR A 135 -7.25 2.65 -3.05
N TYR A 136 -7.10 3.19 -4.27
CA TYR A 136 -6.56 2.52 -5.43
C TYR A 136 -5.20 3.14 -5.73
N ILE A 137 -4.17 2.30 -5.82
CA ILE A 137 -2.77 2.74 -5.83
C ILE A 137 -2.08 2.15 -7.05
N ASP A 138 -1.30 2.99 -7.74
CA ASP A 138 -0.53 2.53 -8.90
C ASP A 138 0.89 3.04 -8.66
N ALA A 139 1.67 2.21 -7.95
CA ALA A 139 2.97 2.64 -7.47
C ALA A 139 4.01 1.57 -7.74
N PRO A 140 5.23 1.95 -8.07
CA PRO A 140 6.29 0.96 -8.28
C PRO A 140 6.81 0.46 -6.95
N GLY A 141 7.21 -0.81 -6.95
CA GLY A 141 7.99 -1.33 -5.83
C GLY A 141 7.13 -1.85 -4.69
N GLY A 142 7.60 -1.59 -3.47
CA GLY A 142 6.97 -2.20 -2.30
C GLY A 142 7.56 -3.54 -1.98
N VAL A 143 7.53 -3.88 -0.69
CA VAL A 143 8.01 -5.17 -0.22
C VAL A 143 6.84 -6.15 -0.25
N ASP A 144 6.99 -7.24 -0.99
CA ASP A 144 5.96 -8.27 -1.04
C ASP A 144 6.06 -9.09 0.26
N VAL A 145 5.06 -8.92 1.13
CA VAL A 145 5.18 -9.48 2.48
C VAL A 145 5.28 -11.00 2.43
N ASN A 146 4.36 -11.66 1.72
CA ASN A 146 4.37 -13.11 1.72
C ASN A 146 5.61 -13.69 1.05
N LYS A 147 6.17 -12.99 0.05
CA LYS A 147 7.41 -13.46 -0.55
C LYS A 147 8.59 -13.26 0.39
N THR A 148 8.50 -12.28 1.29
CA THR A 148 9.56 -11.96 2.23
C THR A 148 9.50 -12.79 3.50
N ILE A 149 8.31 -13.01 4.07
CA ILE A 149 8.20 -13.77 5.33
C ILE A 149 7.47 -15.09 5.16
N GLY A 150 7.08 -15.47 3.96
CA GLY A 150 6.35 -16.71 3.76
C GLY A 150 4.85 -16.48 3.68
N ASP A 151 4.14 -17.52 3.25
CA ASP A 151 2.69 -17.46 3.08
C ASP A 151 1.94 -18.31 4.10
N ARG A 152 2.58 -18.62 5.22
CA ARG A 152 2.01 -19.48 6.24
C ARG A 152 1.68 -18.74 7.53
N HIS A 153 2.05 -17.47 7.64
CA HIS A 153 1.79 -16.72 8.85
C HIS A 153 0.30 -16.36 8.95
N LYS A 154 -0.09 -15.91 10.14
CA LYS A 154 -1.49 -15.73 10.47
C LYS A 154 -2.21 -14.85 9.45
N TRP A 155 -1.54 -13.83 8.94
CA TRP A 155 -2.17 -12.82 8.11
C TRP A 155 -1.80 -12.96 6.63
N ALA A 156 -1.41 -14.15 6.21
CA ALA A 156 -1.00 -14.33 4.82
C ALA A 156 -2.15 -14.02 3.87
N ASP A 157 -3.40 -14.21 4.31
CA ASP A 157 -4.50 -13.97 3.39
CA ASP A 157 -4.61 -13.94 3.55
C ASP A 157 -4.73 -12.48 3.14
N GLN A 158 -3.97 -11.59 3.76
CA GLN A 158 -4.04 -10.18 3.43
C GLN A 158 -3.24 -9.83 2.18
N VAL A 159 -2.39 -10.74 1.70
CA VAL A 159 -1.59 -10.56 0.49
C VAL A 159 -1.04 -9.13 0.41
N GLU A 160 -0.26 -8.78 1.42
CA GLU A 160 0.18 -7.42 1.70
C GLU A 160 1.41 -7.06 0.89
N VAL A 161 1.48 -5.79 0.52
CA VAL A 161 2.67 -5.16 -0.02
C VAL A 161 2.94 -3.95 0.89
N ALA A 162 4.13 -3.93 1.48
CA ALA A 162 4.50 -2.90 2.44
C ALA A 162 5.43 -1.88 1.80
N PHE A 163 5.01 -0.60 1.81
CA PHE A 163 5.78 0.45 1.16
C PHE A 163 6.68 1.16 2.16
N PRO A 164 7.98 0.91 2.17
CA PRO A 164 8.86 1.64 3.10
C PRO A 164 8.96 3.10 2.70
N GLY A 165 8.69 3.98 3.66
CA GLY A 165 8.61 5.40 3.38
C GLY A 165 7.27 5.83 2.84
N GLY A 166 6.31 4.92 2.75
CA GLY A 166 5.00 5.26 2.24
C GLY A 166 4.98 5.50 0.74
N ILE A 167 4.00 6.31 0.32
CA ILE A 167 3.60 6.39 -1.08
C ILE A 167 3.22 7.83 -1.38
N ARG A 168 3.91 8.44 -2.34
CA ARG A 168 3.60 9.81 -2.75
C ARG A 168 2.24 9.87 -3.43
N THR A 169 1.62 11.06 -3.37
CA THR A 169 0.27 11.22 -3.90
C THR A 169 0.21 10.94 -5.41
N GLU A 170 1.30 11.17 -6.15
CA GLU A 170 1.26 10.93 -7.59
C GLU A 170 0.98 9.47 -7.92
N PHE A 171 1.15 8.57 -6.96
CA PHE A 171 0.91 7.14 -7.16
C PHE A 171 -0.42 6.67 -6.60
N VAL A 172 -1.23 7.58 -6.08
CA VAL A 172 -2.57 7.25 -5.59
C VAL A 172 -3.55 7.60 -6.71
N ILE A 173 -4.21 6.58 -7.26
CA ILE A 173 -5.14 6.79 -8.36
C ILE A 173 -6.37 7.55 -7.90
N GLY A 174 -6.94 7.12 -6.78
CA GLY A 174 -8.25 7.59 -6.37
C GLY A 174 -8.76 6.74 -5.23
N VAL A 175 -10.06 6.85 -4.96
CA VAL A 175 -10.64 6.23 -3.78
C VAL A 175 -12.11 5.96 -4.03
N CYS A 176 -12.64 4.95 -3.35
CA CYS A 176 -14.07 4.74 -3.28
C CYS A 176 -14.48 4.65 -1.81
N PRO A 177 -15.48 5.40 -1.37
CA PRO A 177 -15.98 5.24 0.00
C PRO A 177 -16.70 3.91 0.14
N VAL A 178 -16.76 3.44 1.38
CA VAL A 178 -17.28 2.12 1.71
C VAL A 178 -18.53 2.29 2.54
N ASP A 179 -19.61 1.62 2.14
CA ASP A 179 -20.82 1.56 2.94
C ASP A 179 -20.59 0.57 4.06
N LYS A 180 -20.65 1.04 5.30
CA LYS A 180 -20.26 0.20 6.43
C LYS A 180 -21.20 -0.99 6.60
N LYS A 181 -22.50 -0.79 6.42
CA LYS A 181 -23.46 -1.83 6.78
C LYS A 181 -23.42 -3.02 5.81
N THR A 182 -23.12 -2.77 4.54
CA THR A 182 -23.04 -3.84 3.56
C THR A 182 -21.60 -4.19 3.18
N ARG A 183 -20.62 -3.41 3.63
CA ARG A 183 -19.21 -3.64 3.24
C ARG A 183 -19.07 -3.65 1.72
N THR A 184 -19.64 -2.64 1.07
CA THR A 184 -19.54 -2.52 -0.38
C THR A 184 -19.07 -1.12 -0.72
N GLU A 185 -18.50 -0.96 -1.90
CA GLU A 185 -18.08 0.36 -2.35
C GLU A 185 -19.26 1.15 -2.88
N LYS A 186 -19.29 2.44 -2.56
CA LYS A 186 -20.30 3.37 -3.06
C LYS A 186 -19.74 3.97 -4.34
N MET A 187 -19.96 3.27 -5.44
CA MET A 187 -19.20 3.56 -6.66
C MET A 187 -19.57 4.89 -7.31
N SER A 188 -20.76 5.43 -7.05
CA SER A 188 -21.05 6.76 -7.57
C SER A 188 -20.38 7.86 -6.76
N GLU A 189 -19.70 7.50 -5.67
CA GLU A 189 -18.97 8.45 -4.84
C GLU A 189 -17.46 8.23 -4.89
N CYS A 190 -16.97 7.41 -5.81
CA CYS A 190 -15.53 7.34 -6.01
C CYS A 190 -15.01 8.67 -6.52
N VAL A 191 -13.75 8.96 -6.20
CA VAL A 191 -13.10 10.22 -6.57
C VAL A 191 -11.71 9.90 -7.10
N GLY A 192 -11.36 10.49 -8.24
CA GLY A 192 -9.99 10.42 -8.70
C GLY A 192 -9.12 11.47 -8.06
N ASN A 193 -7.86 11.08 -7.83
CA ASN A 193 -6.87 12.00 -7.28
C ASN A 193 -6.37 12.93 -8.37
N PRO A 194 -6.55 14.24 -8.25
CA PRO A 194 -6.06 15.15 -9.30
C PRO A 194 -4.55 15.10 -9.49
N HIS A 195 -3.82 14.56 -8.52
CA HIS A 195 -2.37 14.50 -8.56
C HIS A 195 -1.82 13.18 -9.10
N TYR A 196 -2.68 12.23 -9.45
CA TYR A 196 -2.20 10.97 -9.99
C TYR A 196 -1.47 11.21 -11.30
N GLU A 197 -0.28 10.60 -11.41
CA GLU A 197 0.56 10.72 -12.61
C GLU A 197 0.84 9.33 -13.16
N PRO A 198 0.08 8.89 -14.17
CA PRO A 198 0.33 7.60 -14.77
C PRO A 198 1.78 7.51 -15.23
N TRP A 199 2.35 6.32 -15.09
CA TRP A 199 3.75 6.08 -15.41
C TRP A 199 3.98 4.81 -16.21
N HIS A 200 2.95 4.06 -16.54
CA HIS A 200 3.08 2.92 -17.44
C HIS A 200 1.72 2.61 -18.05
#